data_2XB5
#
_entry.id   2XB5
#
_cell.length_a   68.860
_cell.length_b   68.860
_cell.length_c   180.940
_cell.angle_alpha   90.00
_cell.angle_beta   90.00
_cell.angle_gamma   90.00
#
_symmetry.space_group_name_H-M   'I 41 2 2'
#
loop_
_entity.id
_entity.type
_entity.pdbx_description
1 polymer 'TETRACYCLINE REPRESSOR PROTEIN CLASS D'
2 non-polymer 7-IODOTETRACYCLINE
3 non-polymer 'MAGNESIUM ION'
4 non-polymer 'CHLORIDE ION'
5 water water
#
_entity_poly.entity_id   1
_entity_poly.type   'polypeptide(L)'
_entity_poly.pdbx_seq_one_letter_code
;ARLNRESVIDAALELLNETGIDGLTTRKLAQKLGIEQPTLYWHVKNKRALLDALAVEILARHHDYSLPAAGESWQSFLRN
NAMSFRRALLRYRDGAKVHLGTRPDEKQYDTVETQLRFMTENGFSLRDGLYAISAVSHFTLGAVLEQQEHTAALTDRPAA
PDENLPPLLREALQIMDSDDGEQAFLHGLESLIRGFEVQLTALLQIV
;
_entity_poly.pdbx_strand_id   A
#
loop_
_chem_comp.id
_chem_comp.type
_chem_comp.name
_chem_comp.formula
CL non-polymer 'CHLORIDE ION' 'Cl -1'
I7T non-polymer 7-IODOTETRACYCLINE 'C21 H21 I N2 O7'
MG non-polymer 'MAGNESIUM ION' 'Mg 2'
#
# COMPACT_ATOMS: atom_id res chain seq x y z
N ALA A 1 -7.02 -5.68 -29.95
CA ALA A 1 -6.34 -4.96 -28.83
C ALA A 1 -4.88 -4.57 -29.15
N ARG A 2 -4.45 -3.45 -28.58
CA ARG A 2 -3.06 -2.99 -28.69
C ARG A 2 -2.26 -3.63 -27.57
N LEU A 3 -1.07 -4.14 -27.88
CA LEU A 3 -0.36 -5.02 -26.94
C LEU A 3 1.06 -4.56 -26.52
N ASN A 4 1.23 -3.27 -26.33
CA ASN A 4 2.45 -2.80 -25.68
C ASN A 4 2.30 -2.98 -24.19
N ARG A 5 3.38 -2.73 -23.47
CA ARG A 5 3.39 -2.83 -22.02
C ARG A 5 2.29 -1.98 -21.34
N GLU A 6 2.15 -0.72 -21.74
CA GLU A 6 1.16 0.19 -21.13
C GLU A 6 -0.28 -0.27 -21.34
N SER A 7 -0.56 -0.87 -22.51
CA SER A 7 -1.88 -1.40 -22.81
C SER A 7 -2.17 -2.62 -21.98
N VAL A 8 -1.18 -3.50 -21.82
CA VAL A 8 -1.39 -4.69 -21.03
C VAL A 8 -1.71 -4.33 -19.56
N ILE A 9 -0.99 -3.35 -19.03
CA ILE A 9 -1.11 -3.00 -17.61
C ILE A 9 -2.40 -2.24 -17.37
N ASP A 10 -2.76 -1.33 -18.28
CA ASP A 10 -4.05 -0.67 -18.24
C ASP A 10 -5.19 -1.66 -18.12
N ALA A 11 -5.18 -2.64 -19.02
CA ALA A 11 -6.20 -3.67 -19.05
C ALA A 11 -6.17 -4.55 -17.80
N ALA A 12 -4.98 -4.90 -17.33
CA ALA A 12 -4.82 -5.68 -16.09
C ALA A 12 -5.39 -4.92 -14.87
N LEU A 13 -5.22 -3.62 -14.86
CA LEU A 13 -5.78 -2.76 -13.81
C LEU A 13 -7.32 -2.68 -13.89
N GLU A 14 -7.88 -2.43 -15.05
CA GLU A 14 -9.32 -2.52 -15.19
C GLU A 14 -9.82 -3.84 -14.57
N LEU A 15 -9.17 -4.95 -14.95
CA LEU A 15 -9.60 -6.29 -14.54
C LEU A 15 -9.51 -6.44 -13.01
N LEU A 16 -8.43 -5.95 -12.43
CA LEU A 16 -8.27 -6.01 -11.00
C LEU A 16 -9.47 -5.38 -10.24
N ASN A 17 -10.01 -4.26 -10.75
CA ASN A 17 -11.19 -3.61 -10.16
C ASN A 17 -12.51 -4.29 -10.45
N GLU A 18 -12.60 -5.02 -11.55
CA GLU A 18 -13.79 -5.83 -11.80
C GLU A 18 -13.73 -7.07 -10.90
N THR A 19 -12.64 -7.83 -11.00
CA THR A 19 -12.60 -9.21 -10.44
C THR A 19 -11.80 -9.43 -9.13
N GLY A 20 -11.02 -8.48 -8.70
CA GLY A 20 -10.11 -8.74 -7.57
C GLY A 20 -8.89 -9.53 -7.99
N ILE A 21 -7.92 -9.62 -7.09
CA ILE A 21 -6.64 -10.25 -7.37
C ILE A 21 -6.76 -11.76 -7.64
N ASP A 22 -7.75 -12.40 -7.02
CA ASP A 22 -8.00 -13.83 -7.21
C ASP A 22 -8.65 -14.20 -8.55
N GLY A 23 -9.31 -13.24 -9.19
CA GLY A 23 -9.89 -13.43 -10.51
C GLY A 23 -9.02 -12.79 -11.58
N LEU A 24 -7.88 -12.25 -11.20
CA LEU A 24 -6.91 -11.75 -12.16
C LEU A 24 -6.13 -12.94 -12.72
N THR A 25 -6.69 -13.54 -13.77
CA THR A 25 -6.10 -14.67 -14.48
C THR A 25 -5.60 -14.25 -15.85
N THR A 26 -4.59 -14.95 -16.35
CA THR A 26 -4.11 -14.68 -17.70
C THR A 26 -5.25 -14.98 -18.66
N ARG A 27 -6.02 -16.03 -18.39
CA ARG A 27 -7.17 -16.40 -19.22
C ARG A 27 -8.16 -15.26 -19.35
N LYS A 28 -8.51 -14.65 -18.22
CA LYS A 28 -9.45 -13.53 -18.21
C LYS A 28 -8.84 -12.28 -18.82
N LEU A 29 -7.53 -12.06 -18.64
CA LEU A 29 -6.86 -10.90 -19.26
C LEU A 29 -6.96 -11.01 -20.80
N ALA A 30 -6.62 -12.17 -21.37
CA ALA A 30 -6.77 -12.44 -22.81
C ALA A 30 -8.19 -12.17 -23.32
N GLN A 31 -9.21 -12.68 -22.62
CA GLN A 31 -10.60 -12.32 -22.95
C GLN A 31 -10.76 -10.81 -23.02
N LYS A 32 -10.23 -10.11 -22.02
CA LYS A 32 -10.38 -8.67 -21.91
C LYS A 32 -9.80 -7.97 -23.12
N LEU A 33 -8.61 -8.42 -23.52
CA LEU A 33 -7.96 -7.84 -24.69
C LEU A 33 -8.47 -8.47 -26.02
N GLY A 34 -9.41 -9.41 -25.95
CA GLY A 34 -9.91 -10.13 -27.13
C GLY A 34 -8.81 -10.80 -27.92
N ILE A 35 -7.91 -11.48 -27.23
CA ILE A 35 -6.85 -12.24 -27.87
C ILE A 35 -6.85 -13.65 -27.32
N GLU A 36 -6.11 -14.52 -28.01
CA GLU A 36 -5.96 -15.91 -27.61
C GLU A 36 -4.78 -16.00 -26.64
N GLN A 37 -4.86 -16.91 -25.69
CA GLN A 37 -3.82 -17.02 -24.66
C GLN A 37 -2.35 -17.04 -25.15
N PRO A 38 -2.05 -17.80 -26.22
CA PRO A 38 -0.64 -17.81 -26.68
C PRO A 38 -0.10 -16.43 -27.15
N THR A 39 -0.98 -15.62 -27.74
CA THR A 39 -0.64 -14.22 -28.02
C THR A 39 -0.29 -13.45 -26.74
N LEU A 40 -1.10 -13.65 -25.71
CA LEU A 40 -0.83 -13.05 -24.39
C LEU A 40 0.49 -13.57 -23.84
N TYR A 41 0.71 -14.88 -23.91
CA TYR A 41 1.93 -15.48 -23.37
C TYR A 41 3.23 -14.91 -23.95
N TRP A 42 3.15 -14.34 -25.15
CA TRP A 42 4.30 -13.75 -25.80
C TRP A 42 4.68 -12.49 -25.02
N HIS A 43 3.70 -11.79 -24.50
CA HIS A 43 3.90 -10.51 -23.83
C HIS A 43 4.02 -10.59 -22.31
N VAL A 44 3.33 -11.54 -21.70
CA VAL A 44 3.20 -11.66 -20.24
C VAL A 44 3.38 -13.14 -19.87
N LYS A 45 4.51 -13.53 -19.33
CA LYS A 45 4.80 -14.96 -19.15
C LYS A 45 4.01 -15.64 -18.03
N ASN A 46 3.54 -14.88 -17.04
CA ASN A 46 2.75 -15.48 -15.93
C ASN A 46 2.16 -14.45 -14.93
N LYS A 47 1.39 -14.95 -13.97
CA LYS A 47 0.67 -14.09 -13.03
C LYS A 47 1.59 -13.29 -12.12
N ARG A 48 2.69 -13.89 -11.68
CA ARG A 48 3.66 -13.22 -10.80
C ARG A 48 4.34 -12.03 -11.51
N ALA A 49 4.76 -12.28 -12.75
CA ALA A 49 5.36 -11.23 -13.55
C ALA A 49 4.38 -10.06 -13.58
N LEU A 50 3.14 -10.39 -13.86
CA LEU A 50 2.06 -9.42 -13.92
C LEU A 50 1.78 -8.70 -12.59
N LEU A 51 1.68 -9.43 -11.50
CA LEU A 51 1.49 -8.80 -10.22
C LEU A 51 2.61 -7.82 -9.85
N ASP A 52 3.85 -8.20 -10.19
CA ASP A 52 5.02 -7.34 -9.91
C ASP A 52 4.98 -6.06 -10.67
N ALA A 53 4.59 -6.14 -11.92
CA ALA A 53 4.56 -4.97 -12.74
C ALA A 53 3.43 -4.06 -12.25
N LEU A 54 2.28 -4.65 -11.95
CA LEU A 54 1.17 -3.89 -11.42
C LEU A 54 1.58 -3.16 -10.15
N ALA A 55 2.25 -3.82 -9.23
CA ALA A 55 2.65 -3.21 -7.95
C ALA A 55 3.47 -1.95 -8.19
N VAL A 56 4.34 -2.00 -9.19
CA VAL A 56 5.21 -0.92 -9.47
C VAL A 56 4.44 0.18 -10.15
N GLU A 57 3.54 -0.17 -11.05
CA GLU A 57 2.77 0.83 -11.83
C GLU A 57 1.79 1.61 -10.97
N ILE A 58 1.16 0.89 -10.07
CA ILE A 58 0.25 1.50 -9.13
C ILE A 58 0.93 2.67 -8.42
N LEU A 59 2.15 2.46 -7.93
CA LEU A 59 2.85 3.53 -7.23
C LEU A 59 3.37 4.59 -8.20
N ALA A 60 3.83 4.15 -9.36
CA ALA A 60 4.32 5.07 -10.37
C ALA A 60 3.22 6.05 -10.79
N ARG A 61 2.00 5.58 -10.96
CA ARG A 61 0.88 6.43 -11.33
C ARG A 61 0.24 7.23 -10.20
N HIS A 62 0.17 6.70 -8.99
CA HIS A 62 -0.62 7.41 -7.97
C HIS A 62 0.08 7.74 -6.70
N HIS A 63 1.35 7.37 -6.57
CA HIS A 63 2.08 7.67 -5.35
C HIS A 63 2.93 8.87 -5.67
N ASP A 64 2.40 10.06 -5.39
CA ASP A 64 3.05 11.34 -5.76
C ASP A 64 3.85 12.02 -4.67
N TYR A 65 3.91 11.48 -3.46
CA TYR A 65 4.79 12.03 -2.44
C TYR A 65 5.84 11.00 -2.03
N SER A 66 6.72 10.67 -2.98
CA SER A 66 7.73 9.65 -2.78
C SER A 66 9.09 10.26 -2.41
N LEU A 67 9.24 11.57 -2.64
CA LEU A 67 10.46 12.28 -2.25
C LEU A 67 10.08 13.43 -1.33
N PRO A 68 10.96 13.76 -0.38
CA PRO A 68 10.77 14.96 0.45
C PRO A 68 10.92 16.28 -0.32
N ALA A 69 10.13 17.29 0.06
CA ALA A 69 10.25 18.64 -0.49
C ALA A 69 11.56 19.24 0.01
N ALA A 70 11.99 20.33 -0.62
CA ALA A 70 13.21 21.01 -0.20
C ALA A 70 13.02 21.55 1.21
N GLY A 71 13.95 21.25 2.11
CA GLY A 71 13.88 21.73 3.49
C GLY A 71 12.80 21.10 4.37
N GLU A 72 12.14 20.04 3.89
CA GLU A 72 11.05 19.43 4.66
C GLU A 72 11.66 18.53 5.73
N SER A 73 11.10 18.59 6.92
CA SER A 73 11.53 17.76 8.07
C SER A 73 11.27 16.27 7.84
N TRP A 74 12.04 15.41 8.51
CA TRP A 74 11.79 14.00 8.38
C TRP A 74 10.39 13.64 8.87
N GLN A 75 9.97 14.23 9.97
CA GLN A 75 8.61 13.95 10.47
C GLN A 75 7.55 14.24 9.41
N SER A 76 7.73 15.31 8.67
CA SER A 76 6.74 15.72 7.68
C SER A 76 6.76 14.79 6.49
N PHE A 77 7.95 14.52 5.98
CA PHE A 77 8.05 13.65 4.81
C PHE A 77 7.41 12.29 5.11
N LEU A 78 7.68 11.74 6.27
CA LEU A 78 7.13 10.43 6.63
C LEU A 78 5.60 10.40 6.69
N ARG A 79 4.99 11.47 7.20
CA ARG A 79 3.53 11.64 7.24
C ARG A 79 3.02 11.76 5.82
N ASN A 80 3.56 12.72 5.07
CA ASN A 80 3.10 12.91 3.69
C ASN A 80 3.28 11.66 2.82
N ASN A 81 4.44 11.04 2.92
CA ASN A 81 4.76 9.77 2.23
C ASN A 81 3.83 8.61 2.61
N ALA A 82 3.48 8.47 3.88
CA ALA A 82 2.58 7.40 4.28
C ALA A 82 1.17 7.67 3.76
N MET A 83 0.70 8.92 3.84
CA MET A 83 -0.59 9.29 3.29
C MET A 83 -0.67 8.97 1.81
N SER A 84 0.39 9.32 1.10
CA SER A 84 0.47 9.15 -0.33
C SER A 84 0.49 7.69 -0.71
N PHE A 85 1.23 6.89 0.06
CA PHE A 85 1.27 5.44 -0.11
C PHE A 85 -0.13 4.85 0.14
N ARG A 86 -0.82 5.31 1.19
CA ARG A 86 -2.15 4.80 1.47
C ARG A 86 -3.13 5.08 0.31
N ARG A 87 -3.23 6.33 -0.18
CA ARG A 87 -4.18 6.66 -1.26
C ARG A 87 -3.94 5.75 -2.45
N ALA A 88 -2.65 5.52 -2.74
CA ALA A 88 -2.22 4.70 -3.85
C ALA A 88 -2.70 3.23 -3.72
N LEU A 89 -2.41 2.62 -2.55
CA LEU A 89 -2.82 1.23 -2.26
C LEU A 89 -4.34 1.07 -2.42
N LEU A 90 -5.04 2.16 -2.11
CA LEU A 90 -6.48 2.19 -1.98
C LEU A 90 -7.20 2.50 -3.32
N ARG A 91 -6.48 3.05 -4.31
CA ARG A 91 -7.09 3.37 -5.60
C ARG A 91 -7.57 2.13 -6.38
N TYR A 92 -6.98 0.95 -6.13
CA TYR A 92 -7.46 -0.27 -6.78
C TYR A 92 -7.92 -1.33 -5.75
N ARG A 93 -8.94 -2.09 -6.12
CA ARG A 93 -9.33 -3.29 -5.37
C ARG A 93 -8.17 -4.27 -5.13
N ASP A 94 -8.07 -4.80 -3.92
CA ASP A 94 -6.94 -5.67 -3.52
C ASP A 94 -5.56 -5.10 -3.88
N GLY A 95 -5.45 -3.77 -3.93
CA GLY A 95 -4.21 -3.09 -4.26
C GLY A 95 -3.14 -3.31 -3.19
N ALA A 96 -3.51 -3.28 -1.92
CA ALA A 96 -2.58 -3.64 -0.85
C ALA A 96 -2.06 -5.06 -1.03
N LYS A 97 -2.98 -5.97 -1.31
CA LYS A 97 -2.66 -7.36 -1.57
C LYS A 97 -1.70 -7.51 -2.76
N VAL A 98 -1.82 -6.64 -3.75
CA VAL A 98 -0.94 -6.71 -4.93
C VAL A 98 0.47 -6.25 -4.56
N HIS A 99 0.58 -5.28 -3.64
CA HIS A 99 1.88 -4.79 -3.19
C HIS A 99 2.60 -5.81 -2.35
N LEU A 100 1.84 -6.64 -1.61
CA LEU A 100 2.37 -7.54 -0.58
C LEU A 100 3.44 -8.49 -1.08
N GLY A 101 4.52 -8.57 -0.36
CA GLY A 101 5.64 -9.40 -0.75
C GLY A 101 6.55 -8.86 -1.83
N THR A 102 6.24 -7.69 -2.39
CA THR A 102 7.15 -7.10 -3.36
C THR A 102 8.28 -6.47 -2.60
N ARG A 103 9.36 -6.27 -3.30
CA ARG A 103 10.51 -5.56 -2.82
C ARG A 103 10.79 -4.49 -3.87
N PRO A 104 11.64 -3.52 -3.56
CA PRO A 104 11.82 -2.47 -4.56
C PRO A 104 12.35 -2.98 -5.91
N ASP A 105 11.78 -2.42 -6.97
CA ASP A 105 12.12 -2.72 -8.34
C ASP A 105 13.23 -1.79 -8.82
N GLU A 106 13.97 -2.23 -9.81
CA GLU A 106 15.02 -1.41 -10.45
C GLU A 106 14.56 0.04 -10.75
N LYS A 107 13.33 0.21 -11.22
CA LYS A 107 12.80 1.53 -11.54
C LYS A 107 12.55 2.39 -10.31
N GLN A 108 12.57 1.75 -9.14
CA GLN A 108 12.38 2.39 -7.87
C GLN A 108 13.68 2.60 -7.09
N TYR A 109 14.76 1.91 -7.46
CA TYR A 109 16.04 2.02 -6.75
C TYR A 109 16.41 3.44 -6.35
N ASP A 110 16.50 4.33 -7.32
CA ASP A 110 16.92 5.68 -7.04
C ASP A 110 16.05 6.39 -6.01
N THR A 111 14.74 6.23 -6.11
CA THR A 111 13.80 6.80 -5.14
C THR A 111 13.99 6.28 -3.70
N VAL A 112 14.17 4.99 -3.53
CA VAL A 112 14.23 4.39 -2.19
C VAL A 112 15.58 4.71 -1.59
N GLU A 113 16.60 4.72 -2.45
CA GLU A 113 17.94 5.12 -2.01
C GLU A 113 17.91 6.53 -1.42
N THR A 114 17.26 7.45 -2.13
CA THR A 114 17.20 8.80 -1.64
C THR A 114 16.47 8.85 -0.30
N GLN A 115 15.38 8.10 -0.16
CA GLN A 115 14.66 8.06 1.11
C GLN A 115 15.60 7.64 2.22
N LEU A 116 16.39 6.61 1.98
CA LEU A 116 17.29 6.09 2.99
C LEU A 116 18.34 7.14 3.35
N ARG A 117 18.96 7.70 2.31
CA ARG A 117 19.98 8.72 2.50
C ARG A 117 19.42 9.87 3.29
N PHE A 118 18.23 10.33 2.90
CA PHE A 118 17.56 11.44 3.60
C PHE A 118 17.36 11.21 5.12
N MET A 119 17.01 9.99 5.52
CA MET A 119 16.89 9.70 6.93
C MET A 119 18.24 9.84 7.57
N THR A 120 19.30 9.41 6.89
CA THR A 120 20.58 9.29 7.55
C THR A 120 21.12 10.66 7.74
N GLU A 121 20.80 11.57 6.82
CA GLU A 121 21.27 12.95 6.97
C GLU A 121 20.51 13.75 8.03
N ASN A 122 19.37 13.23 8.44
CA ASN A 122 18.66 13.77 9.58
C ASN A 122 19.02 13.15 10.94
N GLY A 123 20.11 12.40 11.01
CA GLY A 123 20.56 11.82 12.29
C GLY A 123 20.22 10.37 12.56
N PHE A 124 19.48 9.71 11.66
CA PHE A 124 19.26 8.28 11.78
C PHE A 124 20.45 7.52 11.30
N SER A 125 20.87 6.53 12.06
CA SER A 125 21.70 5.48 11.48
C SER A 125 20.85 4.80 10.38
N LEU A 126 21.54 4.17 9.45
CA LEU A 126 20.89 3.41 8.42
C LEU A 126 19.91 2.43 9.05
N ARG A 127 20.33 1.75 10.13
CA ARG A 127 19.52 0.69 10.76
C ARG A 127 18.21 1.30 11.25
N ASP A 128 18.31 2.38 12.02
CA ASP A 128 17.14 3.10 12.54
C ASP A 128 16.31 3.74 11.45
N GLY A 129 16.93 4.31 10.44
CA GLY A 129 16.19 4.84 9.29
C GLY A 129 15.40 3.75 8.60
N LEU A 130 16.00 2.56 8.49
CA LEU A 130 15.38 1.39 7.86
C LEU A 130 14.15 0.99 8.66
N TYR A 131 14.30 0.92 9.98
CA TYR A 131 13.22 0.53 10.85
C TYR A 131 12.04 1.53 10.82
N ALA A 132 12.35 2.82 10.74
CA ALA A 132 11.31 3.85 10.70
C ALA A 132 10.55 3.68 9.40
N ILE A 133 11.25 3.54 8.29
CA ILE A 133 10.62 3.30 7.00
C ILE A 133 9.81 2.04 6.99
N SER A 134 10.31 1.01 7.64
CA SER A 134 9.64 -0.26 7.57
C SER A 134 8.40 -0.17 8.39
N ALA A 135 8.54 0.41 9.59
CA ALA A 135 7.41 0.53 10.49
C ALA A 135 6.30 1.29 9.80
N VAL A 136 6.63 2.40 9.17
CA VAL A 136 5.59 3.18 8.46
C VAL A 136 4.93 2.35 7.38
N SER A 137 5.76 1.66 6.61
CA SER A 137 5.29 0.80 5.55
C SER A 137 4.38 -0.30 6.02
N HIS A 138 4.80 -1.02 7.07
CA HIS A 138 4.04 -2.15 7.61
C HIS A 138 2.73 -1.73 8.25
N PHE A 139 2.78 -0.67 9.01
CA PHE A 139 1.59 -0.07 9.58
C PHE A 139 0.62 0.30 8.50
N THR A 140 1.10 0.93 7.43
CA THR A 140 0.14 1.46 6.41
C THR A 140 -0.49 0.35 5.61
N LEU A 141 0.31 -0.66 5.27
CA LEU A 141 -0.20 -1.84 4.58
C LEU A 141 -1.26 -2.54 5.41
N GLY A 142 -1.01 -2.75 6.71
CA GLY A 142 -1.94 -3.49 7.54
C GLY A 142 -3.28 -2.79 7.60
N ALA A 143 -3.24 -1.49 7.89
CA ALA A 143 -4.44 -0.70 7.97
C ALA A 143 -5.22 -0.78 6.68
N VAL A 144 -4.56 -0.64 5.53
CA VAL A 144 -5.27 -0.72 4.26
C VAL A 144 -5.76 -2.14 3.95
N LEU A 145 -4.93 -3.14 4.20
CA LEU A 145 -5.35 -4.55 4.03
C LEU A 145 -6.62 -4.87 4.83
N GLU A 146 -6.68 -4.44 6.10
CA GLU A 146 -7.80 -4.82 6.96
C GLU A 146 -9.04 -4.16 6.44
N GLN A 147 -8.86 -2.94 5.96
CA GLN A 147 -9.94 -2.14 5.43
C GLN A 147 -10.49 -2.74 4.14
N GLN A 148 -9.59 -3.04 3.22
CA GLN A 148 -10.03 -3.56 1.91
C GLN A 148 -10.58 -4.98 2.04
N GLU A 149 -10.06 -5.81 2.94
CA GLU A 149 -10.44 -7.22 2.99
C GLU A 149 -11.70 -7.40 3.77
N HIS A 150 -11.88 -6.54 4.77
CA HIS A 150 -13.14 -6.47 5.50
C HIS A 150 -14.29 -6.05 4.60
N THR A 151 -14.00 -5.13 3.68
CA THR A 151 -15.00 -4.69 2.70
C THR A 151 -15.29 -5.80 1.66
N ALA A 152 -14.25 -6.51 1.20
CA ALA A 152 -14.45 -7.69 0.36
C ALA A 152 -15.32 -8.72 1.06
N ALA A 153 -14.97 -9.07 2.30
CA ALA A 153 -15.65 -10.10 3.12
C ALA A 153 -17.08 -9.74 3.53
N LEU A 154 -17.34 -8.44 3.67
CA LEU A 154 -18.65 -7.86 3.99
C LEU A 154 -19.80 -8.55 3.25
N THR A 155 -19.55 -8.88 1.98
CA THR A 155 -20.53 -9.52 1.13
C THR A 155 -20.90 -10.97 1.54
N ASP A 156 -19.96 -11.68 2.21
CA ASP A 156 -20.14 -13.14 2.51
C ASP A 156 -20.43 -13.51 3.98
N ARG A 157 -20.69 -12.52 4.83
CA ARG A 157 -20.91 -12.77 6.26
C ARG A 157 -22.39 -12.66 6.65
N PRO A 158 -22.77 -13.24 7.81
CA PRO A 158 -24.06 -12.90 8.44
C PRO A 158 -24.09 -11.48 9.06
N ALA A 159 -22.91 -10.88 9.22
CA ALA A 159 -22.73 -9.47 9.64
C ALA A 159 -23.16 -9.22 11.10
N ALA A 160 -22.22 -8.78 11.94
CA ALA A 160 -22.43 -8.47 13.38
C ALA A 160 -23.92 -8.45 13.85
N PRO A 161 -24.48 -9.62 14.21
CA PRO A 161 -25.90 -9.68 14.61
C PRO A 161 -26.28 -8.94 15.91
N ASP A 162 -25.33 -8.19 16.48
CA ASP A 162 -25.59 -7.28 17.63
C ASP A 162 -26.31 -8.02 18.77
N GLU A 163 -27.36 -7.44 19.36
CA GLU A 163 -27.97 -8.00 20.58
C GLU A 163 -26.87 -8.44 21.56
N ASN A 164 -26.34 -9.64 21.35
CA ASN A 164 -25.32 -10.21 22.27
C ASN A 164 -23.92 -9.59 22.13
N LEU A 165 -23.82 -8.45 21.45
CA LEU A 165 -22.58 -7.65 21.44
C LEU A 165 -22.47 -6.92 22.79
N PRO A 166 -21.33 -7.04 23.46
CA PRO A 166 -21.15 -6.30 24.71
C PRO A 166 -20.88 -4.80 24.43
N PRO A 167 -21.14 -3.95 25.43
CA PRO A 167 -21.36 -2.51 25.19
C PRO A 167 -20.18 -1.75 24.61
N LEU A 168 -18.99 -2.00 25.14
CA LEU A 168 -17.83 -1.27 24.65
C LEU A 168 -17.47 -1.67 23.21
N LEU A 169 -17.33 -2.97 22.99
CA LEU A 169 -17.07 -3.49 21.66
C LEU A 169 -18.11 -2.92 20.68
N ARG A 170 -19.38 -3.00 21.08
CA ARG A 170 -20.51 -2.50 20.26
C ARG A 170 -20.26 -1.07 19.84
N GLU A 171 -19.99 -0.20 20.82
CA GLU A 171 -19.67 1.18 20.50
C GLU A 171 -18.34 1.29 19.74
N ALA A 172 -17.36 0.43 20.06
CA ALA A 172 -16.08 0.42 19.33
C ALA A 172 -16.29 0.24 17.83
N LEU A 173 -17.12 -0.71 17.43
CA LEU A 173 -17.31 -1.02 16.02
C LEU A 173 -18.11 0.05 15.26
N GLN A 174 -19.15 0.59 15.88
CA GLN A 174 -19.78 1.80 15.38
C GLN A 174 -18.70 2.84 15.06
N ILE A 175 -17.74 3.04 15.96
CA ILE A 175 -16.72 4.06 15.74
C ILE A 175 -15.76 3.65 14.63
N MET A 176 -15.37 2.38 14.59
CA MET A 176 -14.38 1.91 13.61
C MET A 176 -14.92 2.13 12.19
N ASP A 177 -16.24 1.93 12.03
CA ASP A 177 -16.95 2.11 10.75
C ASP A 177 -17.69 3.44 10.59
N SER A 178 -17.31 4.45 11.36
CA SER A 178 -17.85 5.79 11.16
C SER A 178 -17.27 6.30 9.85
N ASP A 179 -16.02 5.93 9.57
CA ASP A 179 -15.37 6.31 8.34
C ASP A 179 -14.60 5.12 7.80
N ASP A 180 -13.84 5.34 6.73
CA ASP A 180 -13.07 4.26 6.10
C ASP A 180 -11.85 3.76 6.92
N GLY A 181 -11.74 4.17 8.19
CA GLY A 181 -10.51 3.95 8.95
C GLY A 181 -9.41 5.02 8.83
N GLU A 182 -9.72 6.14 8.17
CA GLU A 182 -8.77 7.24 8.04
C GLU A 182 -8.35 7.88 9.36
N GLN A 183 -9.30 8.18 10.23
CA GLN A 183 -8.98 8.78 11.51
C GLN A 183 -8.05 7.86 12.26
N ALA A 184 -8.42 6.59 12.39
CA ALA A 184 -7.62 5.60 13.09
C ALA A 184 -6.20 5.55 12.54
N PHE A 185 -6.10 5.57 11.23
CA PHE A 185 -4.80 5.49 10.58
C PHE A 185 -3.95 6.74 10.90
N LEU A 186 -4.60 7.89 10.78
CA LEU A 186 -3.92 9.17 10.96
C LEU A 186 -3.47 9.36 12.38
N HIS A 187 -4.29 8.92 13.31
CA HIS A 187 -3.93 8.98 14.73
C HIS A 187 -2.76 8.05 15.09
N GLY A 188 -2.84 6.81 14.65
CA GLY A 188 -1.74 5.87 14.75
C GLY A 188 -0.48 6.39 14.08
N LEU A 189 -0.62 7.00 12.92
CA LEU A 189 0.53 7.52 12.19
C LEU A 189 1.30 8.52 13.06
N GLU A 190 0.59 9.36 13.79
CA GLU A 190 1.24 10.37 14.62
C GLU A 190 1.95 9.71 15.78
N SER A 191 1.30 8.72 16.36
CA SER A 191 1.95 8.01 17.43
C SER A 191 3.29 7.44 16.97
N LEU A 192 3.31 6.72 15.86
CA LEU A 192 4.54 6.17 15.28
C LEU A 192 5.65 7.21 15.11
N ILE A 193 5.30 8.35 14.49
CA ILE A 193 6.29 9.41 14.16
C ILE A 193 6.88 10.03 15.42
N ARG A 194 6.00 10.30 16.39
CA ARG A 194 6.41 10.91 17.64
C ARG A 194 7.34 9.96 18.38
N GLY A 195 6.94 8.70 18.44
CA GLY A 195 7.76 7.62 19.02
C GLY A 195 9.15 7.52 18.38
N PHE A 196 9.25 7.57 17.07
CA PHE A 196 10.57 7.66 16.46
C PHE A 196 11.32 8.90 16.87
N GLU A 197 10.63 10.04 16.96
CA GLU A 197 11.29 11.26 17.40
C GLU A 197 11.85 11.12 18.80
N VAL A 198 11.14 10.54 19.77
CA VAL A 198 11.77 10.44 21.09
C VAL A 198 12.95 9.47 21.08
N GLN A 199 12.95 8.51 20.17
CA GLN A 199 14.08 7.61 20.02
C GLN A 199 15.29 8.36 19.46
N LEU A 200 15.12 8.98 18.29
CA LEU A 200 16.15 9.80 17.68
C LEU A 200 16.82 10.67 18.76
N THR A 201 16.02 11.53 19.39
CA THR A 201 16.58 12.59 20.26
C THR A 201 16.98 12.08 21.65
N ALA A 202 16.88 10.77 21.85
CA ALA A 202 17.43 10.14 23.05
C ALA A 202 18.95 10.07 22.92
N LEU A 203 19.44 9.82 21.70
CA LEU A 203 20.88 9.66 21.43
C LEU A 203 21.40 8.42 22.22
N LEU A 204 22.31 8.62 23.18
CA LEU A 204 22.81 7.53 24.02
C LEU A 204 22.26 7.63 25.47
N GLN A 205 21.31 8.54 25.71
CA GLN A 205 20.60 8.60 26.99
C GLN A 205 19.58 7.45 27.11
N ILE A 206 19.24 7.12 28.35
CA ILE A 206 18.22 6.14 28.61
C ILE A 206 16.83 6.81 28.55
N VAL A 207 15.98 6.29 27.66
CA VAL A 207 14.57 6.69 27.51
C VAL A 207 13.60 5.53 27.74
O12 I7T B . 7.21 -0.73 -0.70
C12 I7T B . 8.06 0.13 -0.11
C1B I7T B . 9.17 -0.31 0.49
C11 I7T B . 9.50 -1.73 0.55
O11 I7T B . 8.78 -2.64 0.04
C1A I7T B . 10.86 -2.07 1.09
C10 I7T B . 11.12 -3.37 1.43
O10 I7T B . 10.19 -4.25 1.19
C9 I7T B . 12.34 -3.77 1.94
C8 I7T B . 13.33 -2.86 2.15
C7 I7T B . 13.10 -1.54 1.86
C61 I7T B . 11.85 -1.13 1.33
C6 I7T B . 11.57 0.30 0.99
C5 I7T B . 9.85 2.09 0.98
C1C I7T B . 7.75 1.62 -0.14
C1 I7T B . 8.28 2.23 -1.42
O1 I7T B . 8.67 1.51 -2.34
O1C I7T B . 6.32 1.81 -0.11
C41 I7T B . 8.36 2.37 1.00
C4 I7T B . 8.10 3.88 0.95
N4 I7T B . 7.14 4.43 1.96
C42 I7T B . 7.88 4.49 3.24
C43 I7T B . 5.88 3.68 2.11
C3 I7T B . 7.95 4.40 -0.45
O3 I7T B . 7.75 5.68 -0.55
C2 I7T B . 8.14 3.69 -1.56
C21 I7T B . 8.16 4.29 -2.95
C5A I7T B . 10.11 0.60 1.25
O21 I7T B . 8.23 5.50 -3.20
I7 I7T B . 14.72 -0.26 2.24
N21 I7T B . 8.28 3.48 -4.00
MG MG C . 6.91 -2.68 -0.32
CL CL D . 0.30 -4.76 -30.51
#